data_6O88
#
_entry.id   6O88
#
_cell.length_a   98.118
_cell.length_b   98.118
_cell.length_c   91.524
_cell.angle_alpha   90.00
_cell.angle_beta   90.00
_cell.angle_gamma   120.00
#
_symmetry.space_group_name_H-M   'P 31 2 1'
#
loop_
_entity.id
_entity.type
_entity.pdbx_description
1 polymer 'UDP-glycosyltransferase 76G1'
2 non-polymer "URIDINE-5'-DIPHOSPHATE"
3 non-polymer '(8alpha,9beta,10alpha,13alpha)-13-{[alpha-L-allopyranosyl-(1->2)-[beta-D-mannopyranosyl-(1->3)]-beta-D-allopyranosyl]oxy}kauran-18-oic acid'
4 water water
#
_entity_poly.entity_id   1
_entity_poly.type   'polypeptide(L)'
_entity_poly.pdbx_seq_one_letter_code
;MENKTETTVRRRRRIILFPVPFQGHINPILQLANVLYSKGFSITIFHTNFNKPKTSNYPHFTFRFILDNDPQDERISNLP
THGPLAGMRIPIINEHGADELRRELELLMLASEEDEEVSCLITDALWYFAQSVADSLNLRRLVLMTSSLFNFHAHVSLPQ
FDELGYLDPDDKTRLEEQASGFPMLKVKDIKSAYSNWQILKEILGKMIKQTKASSGVIWNSFKELEESELETVIREIPAP
SFLIPLPKHLTASSSSLLDHDRTVFQWLDQQPPSSVLYVSFGSTSEVDEKDFLEIARGLVDSKQSFLWVVRPGFVKGSTW
VEPLPDGFLGERGRIVKWVPQQEVLAHGAIGAFWTHSGWNSTLESVCEGVPMIFSDFGLDQPLNARYMSDVLKVGVYLEN
GWERGEIANAIRRVMVDEEGEYIRQNARVLKQKADVSLMKGGSSYESLESLVSYISSL
;
_entity_poly.pdbx_strand_id   A
#
loop_
_chem_comp.id
_chem_comp.type
_chem_comp.name
_chem_comp.formula
LRV non-polymer '(8alpha,9beta,10alpha,13alpha)-13-{[alpha-L-allopyranosyl-(1->2)-[beta-D-mannopyranosyl-(1->3)]-beta-D-allopyranosyl]oxy}kauran-18-oic acid' 'C38 H62 O18'
UDP RNA linking URIDINE-5'-DIPHOSPHATE 'C9 H14 N2 O12 P2'
#
# COMPACT_ATOMS: atom_id res chain seq x y z
N ARG A 12 25.17 -11.36 17.23
CA ARG A 12 23.88 -11.30 16.55
C ARG A 12 23.33 -9.87 16.59
N ARG A 13 22.51 -9.53 15.60
CA ARG A 13 22.03 -8.17 15.41
C ARG A 13 20.50 -8.18 15.36
N ARG A 14 19.89 -7.25 16.09
CA ARG A 14 18.43 -7.16 16.17
C ARG A 14 17.96 -5.91 15.47
N ILE A 15 16.81 -6.00 14.81
CA ILE A 15 16.18 -4.85 14.17
C ILE A 15 14.82 -4.63 14.81
N ILE A 16 14.53 -3.39 15.16
CA ILE A 16 13.21 -2.99 15.65
C ILE A 16 12.47 -2.31 14.51
N LEU A 17 11.27 -2.80 14.21
CA LEU A 17 10.40 -2.17 13.22
C LEU A 17 9.13 -1.67 13.89
N PHE A 18 8.64 -0.53 13.42
CA PHE A 18 7.53 0.18 14.05
C PHE A 18 6.56 0.54 12.93
N PRO A 19 5.52 -0.25 12.70
CA PRO A 19 4.59 0.03 11.62
C PRO A 19 3.51 1.03 12.01
N VAL A 20 2.92 1.63 10.99
CA VAL A 20 1.64 2.33 11.16
C VAL A 20 0.54 1.28 11.21
N PRO A 21 -0.47 1.39 12.20
CA PRO A 21 -1.41 0.27 12.43
C PRO A 21 -2.62 0.31 11.50
N PHE A 22 -2.35 0.21 10.19
CA PHE A 22 -3.41 -0.01 9.20
C PHE A 22 -2.94 -1.02 8.17
N GLN A 23 -3.89 -1.68 7.54
CA GLN A 23 -3.58 -2.88 6.76
C GLN A 23 -2.52 -2.60 5.69
N GLY A 24 -2.62 -1.45 4.98
CA GLY A 24 -1.68 -1.15 3.91
C GLY A 24 -0.28 -0.75 4.40
N HIS A 25 -0.14 -0.52 5.70
CA HIS A 25 1.14 -0.18 6.30
C HIS A 25 1.73 -1.33 7.09
N ILE A 26 0.88 -2.13 7.74
CA ILE A 26 1.36 -3.29 8.47
C ILE A 26 1.90 -4.35 7.49
N ASN A 27 1.25 -4.52 6.33
CA ASN A 27 1.67 -5.57 5.41
C ASN A 27 3.11 -5.40 4.94
N PRO A 28 3.50 -4.27 4.33
CA PRO A 28 4.88 -4.18 3.83
C PRO A 28 5.91 -4.22 4.94
N ILE A 29 5.60 -3.65 6.10
CA ILE A 29 6.58 -3.67 7.19
C ILE A 29 6.84 -5.10 7.65
N LEU A 30 5.79 -5.92 7.79
CA LEU A 30 6.02 -7.30 8.21
C LEU A 30 6.59 -8.16 7.09
N GLN A 31 6.30 -7.84 5.83
CA GLN A 31 7.05 -8.46 4.74
C GLN A 31 8.54 -8.16 4.87
N LEU A 32 8.89 -6.89 5.05
CA LEU A 32 10.30 -6.51 5.21
C LEU A 32 10.94 -7.21 6.41
N ALA A 33 10.24 -7.25 7.55
CA ALA A 33 10.75 -7.93 8.74
C ALA A 33 11.10 -9.39 8.42
N ASN A 34 10.24 -10.08 7.67
CA ASN A 34 10.52 -11.46 7.29
C ASN A 34 11.71 -11.56 6.36
N VAL A 35 11.86 -10.61 5.43
CA VAL A 35 13.04 -10.64 4.56
C VAL A 35 14.31 -10.48 5.39
N LEU A 36 14.29 -9.56 6.35
CA LEU A 36 15.48 -9.30 7.16
C LEU A 36 15.76 -10.47 8.10
N TYR A 37 14.71 -11.09 8.65
CA TYR A 37 14.88 -12.31 9.43
C TYR A 37 15.55 -13.40 8.61
N SER A 38 15.18 -13.53 7.32
CA SER A 38 15.81 -14.51 6.45
C SER A 38 17.29 -14.25 6.22
N LYS A 39 17.75 -13.03 6.47
CA LYS A 39 19.16 -12.69 6.33
C LYS A 39 19.90 -12.77 7.65
N GLY A 40 19.26 -13.25 8.71
CA GLY A 40 19.95 -13.53 9.96
C GLY A 40 19.76 -12.52 11.06
N PHE A 41 18.93 -11.50 10.86
CA PHE A 41 18.61 -10.54 11.92
C PHE A 41 17.53 -11.09 12.85
N SER A 42 17.66 -10.81 14.14
CA SER A 42 16.50 -10.99 15.02
C SER A 42 15.59 -9.77 14.90
N ILE A 43 14.32 -9.94 15.28
CA ILE A 43 13.26 -9.01 14.93
C ILE A 43 12.41 -8.70 16.16
N THR A 44 12.25 -7.43 16.47
CA THR A 44 11.23 -6.99 17.42
C THR A 44 10.28 -6.04 16.70
N ILE A 45 8.99 -6.20 16.93
CA ILE A 45 7.98 -5.33 16.36
C ILE A 45 7.36 -4.52 17.49
N PHE A 46 7.45 -3.19 17.39
CA PHE A 46 6.68 -2.29 18.25
C PHE A 46 5.34 -2.01 17.55
N HIS A 47 4.22 -2.16 18.26
CA HIS A 47 2.92 -2.01 17.60
C HIS A 47 1.92 -1.46 18.60
N THR A 48 0.95 -0.68 18.11
CA THR A 48 -0.14 -0.30 18.99
C THR A 48 -1.03 -1.50 19.26
N ASN A 49 -1.78 -1.43 20.36
CA ASN A 49 -2.81 -2.46 20.57
C ASN A 49 -3.89 -2.35 19.49
N PHE A 50 -4.20 -1.14 19.07
CA PHE A 50 -5.14 -0.90 17.98
C PHE A 50 -4.70 -1.58 16.70
N ASN A 51 -5.62 -2.30 16.04
CA ASN A 51 -5.36 -2.97 14.76
C ASN A 51 -4.16 -3.92 14.82
N LYS A 52 -3.91 -4.53 15.96
CA LYS A 52 -2.76 -5.42 16.05
C LYS A 52 -2.94 -6.61 15.12
N PRO A 53 -1.87 -7.12 14.51
CA PRO A 53 -1.95 -8.38 13.77
C PRO A 53 -1.94 -9.54 14.74
N LYS A 54 -2.13 -10.75 14.21
CA LYS A 54 -2.13 -11.95 15.06
C LYS A 54 -0.67 -12.30 15.41
N THR A 55 -0.26 -12.02 16.63
CA THR A 55 1.13 -12.31 16.98
C THR A 55 1.43 -13.80 16.95
N SER A 56 0.41 -14.65 17.08
CA SER A 56 0.65 -16.08 16.97
C SER A 56 1.07 -16.49 15.55
N ASN A 57 0.87 -15.64 14.54
CA ASN A 57 1.38 -15.95 13.21
C ASN A 57 2.88 -15.69 13.08
N TYR A 58 3.51 -15.14 14.11
CA TYR A 58 4.91 -14.69 14.03
C TYR A 58 5.68 -15.18 15.25
N PRO A 59 5.77 -16.49 15.46
CA PRO A 59 6.49 -17.00 16.64
C PRO A 59 7.97 -16.72 16.60
N HIS A 60 8.51 -16.38 15.43
CA HIS A 60 9.92 -16.03 15.30
C HIS A 60 10.20 -14.55 15.57
N PHE A 61 9.16 -13.74 15.78
CA PHE A 61 9.29 -12.32 16.13
C PHE A 61 8.89 -12.10 17.58
N THR A 62 9.49 -11.08 18.20
CA THR A 62 9.08 -10.58 19.50
C THR A 62 8.23 -9.34 19.29
N PHE A 63 7.03 -9.32 19.88
CA PHE A 63 6.14 -8.17 19.81
C PHE A 63 6.13 -7.42 21.14
N ARG A 64 6.11 -6.09 21.05
CA ARG A 64 6.00 -5.22 22.22
C ARG A 64 4.94 -4.18 21.91
N PHE A 65 3.84 -4.18 22.68
CA PHE A 65 2.72 -3.30 22.38
C PHE A 65 2.86 -1.99 23.13
N ILE A 66 2.77 -0.87 22.40
CA ILE A 66 3.10 0.43 22.96
C ILE A 66 2.05 1.46 22.57
N LEU A 67 2.10 2.59 23.29
CA LEU A 67 1.45 3.86 22.96
C LEU A 67 -0.04 3.91 23.25
N ASP A 68 -0.73 2.76 23.24
CA ASP A 68 -2.16 2.78 23.60
C ASP A 68 -2.48 1.71 24.64
N ASN A 69 -1.52 1.37 25.49
CA ASN A 69 -1.83 0.51 26.61
C ASN A 69 -2.78 1.24 27.56
N ASP A 70 -3.70 0.51 28.17
CA ASP A 70 -4.56 1.14 29.17
C ASP A 70 -3.76 1.30 30.48
N PRO A 71 -4.00 2.39 31.22
CA PRO A 71 -5.07 3.37 30.95
C PRO A 71 -4.80 4.16 29.69
N GLN A 72 -5.76 4.16 28.77
CA GLN A 72 -5.54 4.80 27.48
C GLN A 72 -5.50 6.31 27.63
N ASP A 73 -4.56 6.94 26.92
CA ASP A 73 -4.45 8.39 26.91
C ASP A 73 -5.79 9.01 26.56
N GLU A 74 -6.12 10.10 27.24
CA GLU A 74 -7.37 10.81 26.97
C GLU A 74 -7.49 11.20 25.49
N ARG A 75 -6.37 11.24 24.75
CA ARG A 75 -6.39 11.70 23.37
C ARG A 75 -6.89 10.63 22.42
N ILE A 76 -6.44 9.38 22.59
CA ILE A 76 -6.84 8.29 21.71
C ILE A 76 -7.93 7.41 22.32
N SER A 77 -8.23 7.59 23.61
CA SER A 77 -9.16 6.70 24.30
C SER A 77 -10.51 6.65 23.58
N ASN A 78 -11.03 7.81 23.21
CA ASN A 78 -12.37 7.91 22.64
C ASN A 78 -12.42 7.71 21.14
N LEU A 79 -11.27 7.64 20.46
CA LEU A 79 -11.27 7.69 19.00
C LEU A 79 -11.98 6.46 18.42
N PRO A 80 -12.70 6.62 17.32
CA PRO A 80 -13.35 5.47 16.70
C PRO A 80 -12.35 4.54 16.06
N THR A 81 -12.69 3.25 16.04
CA THR A 81 -11.79 2.23 15.51
C THR A 81 -11.92 2.04 14.01
N HIS A 82 -12.96 2.60 13.38
CA HIS A 82 -13.18 2.45 11.96
C HIS A 82 -13.49 3.83 11.35
N GLY A 83 -13.45 3.89 10.02
CA GLY A 83 -13.81 5.08 9.31
C GLY A 83 -12.67 6.07 9.16
N PRO A 84 -12.92 7.16 8.42
CA PRO A 84 -11.89 8.19 8.26
C PRO A 84 -11.32 8.73 9.57
N LEU A 85 -12.12 8.84 10.62
CA LEU A 85 -11.60 9.41 11.86
C LEU A 85 -10.55 8.52 12.52
N ALA A 86 -10.54 7.21 12.22
CA ALA A 86 -9.61 6.32 12.87
C ALA A 86 -8.16 6.72 12.61
N GLY A 87 -7.89 7.37 11.48
CA GLY A 87 -6.54 7.75 11.11
C GLY A 87 -5.97 8.94 11.86
N MET A 88 -6.77 9.62 12.69
CA MET A 88 -6.25 10.71 13.49
C MET A 88 -5.26 10.22 14.54
N ARG A 89 -5.23 8.92 14.81
CA ARG A 89 -4.21 8.39 15.70
C ARG A 89 -2.81 8.73 15.21
N ILE A 90 -2.62 8.87 13.91
CA ILE A 90 -1.30 9.04 13.32
C ILE A 90 -0.73 10.39 13.71
N PRO A 91 -1.36 11.51 13.37
CA PRO A 91 -0.86 12.81 13.85
C PRO A 91 -0.84 12.91 15.36
N ILE A 92 -1.77 12.27 16.06
CA ILE A 92 -1.80 12.37 17.51
C ILE A 92 -0.60 11.69 18.12
N ILE A 93 -0.27 10.49 17.65
CA ILE A 93 0.90 9.79 18.16
C ILE A 93 2.17 10.52 17.77
N ASN A 94 2.22 11.08 16.56
CA ASN A 94 3.38 11.84 16.14
C ASN A 94 3.63 13.00 17.09
N GLU A 95 2.57 13.61 17.61
CA GLU A 95 2.79 14.80 18.42
C GLU A 95 3.00 14.49 19.89
N HIS A 96 2.56 13.33 20.37
CA HIS A 96 2.62 13.04 21.79
C HIS A 96 3.28 11.71 22.16
N GLY A 97 3.77 10.94 21.20
CA GLY A 97 4.33 9.65 21.55
C GLY A 97 5.82 9.57 21.83
N ALA A 98 6.56 10.67 21.76
CA ALA A 98 8.03 10.57 21.76
C ALA A 98 8.55 10.02 23.07
N ASP A 99 8.06 10.53 24.20
CA ASP A 99 8.61 10.11 25.49
C ASP A 99 8.40 8.61 25.71
N GLU A 100 7.20 8.10 25.41
CA GLU A 100 6.97 6.66 25.55
C GLU A 100 7.83 5.86 24.59
N LEU A 101 7.93 6.29 23.32
CA LEU A 101 8.76 5.54 22.40
C LEU A 101 10.21 5.48 22.88
N ARG A 102 10.72 6.59 23.42
CA ARG A 102 12.08 6.57 23.93
C ARG A 102 12.22 5.61 25.12
N ARG A 103 11.26 5.64 26.05
CA ARG A 103 11.27 4.71 27.18
C ARG A 103 11.35 3.28 26.69
N GLU A 104 10.52 2.95 25.70
CA GLU A 104 10.44 1.56 25.24
C GLU A 104 11.73 1.13 24.55
N LEU A 105 12.30 2.00 23.73
CA LEU A 105 13.57 1.67 23.09
C LEU A 105 14.68 1.49 24.13
N GLU A 106 14.77 2.38 25.12
CA GLU A 106 15.79 2.24 26.16
C GLU A 106 15.61 0.94 26.94
N LEU A 107 14.38 0.66 27.38
CA LEU A 107 14.09 -0.60 28.07
C LEU A 107 14.61 -1.79 27.29
N LEU A 108 14.27 -1.85 26.00
CA LEU A 108 14.69 -2.96 25.17
C LEU A 108 16.20 -3.03 25.06
N MET A 109 16.85 -1.88 24.82
CA MET A 109 18.30 -1.88 24.71
C MET A 109 18.97 -2.20 26.04
N LEU A 110 18.34 -1.87 27.17
CA LEU A 110 18.91 -2.19 28.47
C LEU A 110 18.81 -3.69 28.75
N ALA A 111 17.71 -4.32 28.33
CA ALA A 111 17.51 -5.75 28.53
C ALA A 111 18.22 -6.60 27.48
N SER A 112 19.02 -6.00 26.60
CA SER A 112 19.64 -6.76 25.52
C SER A 112 20.77 -7.65 26.04
N GLU A 113 20.93 -8.81 25.40
CA GLU A 113 22.05 -9.69 25.72
C GLU A 113 23.38 -9.04 25.32
N GLU A 114 24.47 -9.67 25.75
CA GLU A 114 25.80 -9.15 25.47
C GLU A 114 26.22 -9.41 24.03
N ASP A 115 25.93 -10.60 23.52
CA ASP A 115 26.25 -10.93 22.15
C ASP A 115 25.28 -10.31 21.16
N GLU A 116 24.33 -9.48 21.62
CA GLU A 116 23.28 -8.96 20.77
C GLU A 116 23.28 -7.43 20.82
N GLU A 117 23.39 -6.81 19.66
CA GLU A 117 23.27 -5.38 19.48
C GLU A 117 22.00 -5.07 18.69
N VAL A 118 21.42 -3.90 18.94
CA VAL A 118 20.33 -3.37 18.14
C VAL A 118 20.92 -2.56 17.01
N SER A 119 20.80 -3.06 15.77
CA SER A 119 21.46 -2.42 14.64
C SER A 119 20.77 -1.11 14.24
N CYS A 120 19.44 -1.11 14.18
CA CYS A 120 18.73 0.09 13.76
C CYS A 120 17.25 -0.08 14.07
N LEU A 121 16.54 1.02 13.93
CA LEU A 121 15.09 1.08 13.96
C LEU A 121 14.60 1.39 12.55
N ILE A 122 13.60 0.64 12.10
CA ILE A 122 12.93 0.91 10.84
C ILE A 122 11.48 1.29 11.17
N THR A 123 11.07 2.48 10.76
CA THR A 123 9.68 2.91 10.96
C THR A 123 9.01 3.25 9.64
N ASP A 124 7.69 3.19 9.67
CA ASP A 124 6.92 3.83 8.61
C ASP A 124 7.35 5.29 8.50
N ALA A 125 7.40 5.80 7.26
CA ALA A 125 7.76 7.19 7.04
C ALA A 125 6.81 8.15 7.73
N LEU A 126 5.57 7.72 7.97
CA LEU A 126 4.59 8.58 8.64
C LEU A 126 4.91 8.78 10.12
N TRP A 127 5.74 7.94 10.73
CA TRP A 127 6.21 8.16 12.10
C TRP A 127 7.42 9.09 12.06
N TYR A 128 7.19 10.33 11.62
CA TYR A 128 8.31 11.26 11.56
C TYR A 128 8.86 11.61 12.94
N PHE A 129 8.05 11.49 13.99
CA PHE A 129 8.50 11.82 15.34
C PHE A 129 9.60 10.89 15.81
N ALA A 130 9.77 9.75 15.15
CA ALA A 130 10.73 8.75 15.60
C ALA A 130 12.16 9.16 15.30
N GLN A 131 12.37 10.09 14.36
CA GLN A 131 13.74 10.46 14.02
C GLN A 131 14.45 11.09 15.20
N SER A 132 13.84 12.08 15.85
CA SER A 132 14.52 12.72 16.96
C SER A 132 14.65 11.78 18.16
N VAL A 133 13.66 10.91 18.38
CA VAL A 133 13.79 9.91 19.44
C VAL A 133 15.03 9.04 19.18
N ALA A 134 15.16 8.53 17.95
CA ALA A 134 16.28 7.63 17.66
C ALA A 134 17.62 8.38 17.76
N ASP A 135 17.67 9.61 17.22
CA ASP A 135 18.86 10.43 17.41
C ASP A 135 19.24 10.56 18.88
N SER A 136 18.24 10.78 19.75
CA SER A 136 18.54 11.03 21.16
C SER A 136 19.09 9.79 21.86
N LEU A 137 18.98 8.62 21.23
CA LEU A 137 19.54 7.39 21.76
C LEU A 137 20.80 6.98 21.01
N ASN A 138 21.27 7.79 20.07
CA ASN A 138 22.34 7.38 19.15
C ASN A 138 21.98 6.09 18.42
N LEU A 139 20.71 5.97 18.02
CA LEU A 139 20.19 4.83 17.29
C LEU A 139 19.87 5.25 15.87
N ARG A 140 20.38 4.52 14.89
CA ARG A 140 20.09 4.86 13.50
C ARG A 140 18.66 4.48 13.16
N ARG A 141 18.00 5.32 12.37
CA ARG A 141 16.63 5.07 11.95
C ARG A 141 16.59 4.99 10.43
N LEU A 142 15.99 3.91 9.93
CA LEU A 142 15.68 3.77 8.51
C LEU A 142 14.18 3.90 8.35
N VAL A 143 13.77 4.33 7.17
CA VAL A 143 12.37 4.64 6.88
C VAL A 143 11.88 3.69 5.81
N LEU A 144 10.68 3.14 5.98
CA LEU A 144 10.06 2.33 4.94
C LEU A 144 8.94 3.14 4.32
N MET A 145 9.07 3.43 3.03
CA MET A 145 8.04 4.09 2.25
C MET A 145 7.04 3.05 1.79
N THR A 146 5.77 3.24 2.12
CA THR A 146 4.73 2.31 1.70
C THR A 146 4.02 2.80 0.44
N SER A 147 4.39 3.96 -0.08
CA SER A 147 3.87 4.49 -1.33
CA SER A 147 3.86 4.44 -1.35
C SER A 147 5.01 4.63 -2.34
N SER A 148 4.65 4.94 -3.59
CA SER A 148 5.58 4.84 -4.73
C SER A 148 6.58 6.00 -4.77
N LEU A 149 7.64 5.80 -5.58
CA LEU A 149 8.59 6.88 -5.84
C LEU A 149 7.92 8.01 -6.62
N PHE A 150 6.99 7.66 -7.52
CA PHE A 150 6.26 8.67 -8.29
C PHE A 150 5.46 9.56 -7.36
N ASN A 151 4.80 8.97 -6.37
CA ASN A 151 4.06 9.74 -5.38
C ASN A 151 4.98 10.70 -4.63
N PHE A 152 6.17 10.23 -4.24
CA PHE A 152 7.09 11.10 -3.54
C PHE A 152 7.55 12.25 -4.44
N HIS A 153 7.79 11.95 -5.72
CA HIS A 153 8.14 13.00 -6.66
C HIS A 153 7.06 14.07 -6.72
N ALA A 154 5.79 13.66 -6.67
CA ALA A 154 4.70 14.65 -6.58
C ALA A 154 4.74 15.41 -5.27
N HIS A 155 5.03 14.73 -4.15
CA HIS A 155 5.11 15.40 -2.86
C HIS A 155 6.09 16.57 -2.91
N VAL A 156 7.35 16.31 -3.27
CA VAL A 156 8.36 17.35 -3.30
C VAL A 156 8.06 18.43 -4.34
N SER A 157 7.15 18.18 -5.27
CA SER A 157 6.75 19.18 -6.25
C SER A 157 5.56 20.01 -5.78
N LEU A 158 5.14 19.86 -4.53
CA LEU A 158 3.99 20.62 -4.03
C LEU A 158 4.22 22.13 -4.05
N PRO A 159 5.41 22.65 -3.75
CA PRO A 159 5.64 24.10 -3.90
C PRO A 159 5.15 24.63 -5.23
N GLN A 160 5.63 24.07 -6.34
CA GLN A 160 5.18 24.52 -7.66
C GLN A 160 3.67 24.36 -7.81
N PHE A 161 3.12 23.26 -7.31
CA PHE A 161 1.70 22.99 -7.49
C PHE A 161 0.85 24.09 -6.85
N ASP A 162 1.05 24.35 -5.55
CA ASP A 162 0.36 25.46 -4.91
C ASP A 162 0.62 26.76 -5.67
N GLU A 163 1.85 26.92 -6.16
CA GLU A 163 2.24 28.12 -6.87
C GLU A 163 1.40 28.33 -8.14
N LEU A 164 1.15 27.26 -8.89
CA LEU A 164 0.39 27.36 -10.13
C LEU A 164 -1.12 27.41 -9.88
N GLY A 165 -1.56 27.31 -8.64
CA GLY A 165 -2.98 27.30 -8.34
C GLY A 165 -3.66 25.96 -8.47
N TYR A 166 -2.91 24.86 -8.52
CA TYR A 166 -3.53 23.55 -8.62
C TYR A 166 -4.24 23.18 -7.33
N LEU A 167 -3.68 23.57 -6.18
CA LEU A 167 -4.17 23.17 -4.87
C LEU A 167 -5.35 23.99 -4.38
N ASP A 168 -5.88 24.90 -5.19
CA ASP A 168 -6.98 25.77 -4.75
C ASP A 168 -8.22 25.46 -5.57
N PRO A 169 -9.32 25.00 -4.97
CA PRO A 169 -10.59 24.90 -5.72
C PRO A 169 -11.19 26.29 -5.98
N ARG A 174 -9.33 24.12 -15.91
CA ARG A 174 -7.98 23.60 -16.24
C ARG A 174 -7.91 22.14 -15.84
N LEU A 175 -9.04 21.54 -15.52
CA LEU A 175 -9.13 20.18 -14.94
C LEU A 175 -8.53 19.09 -15.83
N GLU A 176 -8.72 19.15 -17.15
CA GLU A 176 -8.23 18.08 -18.06
C GLU A 176 -6.89 18.41 -18.70
N GLU A 177 -6.21 19.46 -18.27
CA GLU A 177 -4.91 19.84 -18.85
C GLU A 177 -3.74 19.11 -18.20
N GLN A 178 -2.64 18.95 -18.93
CA GLN A 178 -1.43 18.34 -18.35
C GLN A 178 -0.90 19.32 -17.32
N ALA A 179 -0.44 18.82 -16.18
CA ALA A 179 0.12 19.70 -15.13
C ALA A 179 1.47 20.21 -15.60
N SER A 180 1.84 21.40 -15.12
CA SER A 180 3.09 22.03 -15.51
C SER A 180 4.29 21.28 -14.95
N GLY A 181 5.28 21.04 -15.80
CA GLY A 181 6.49 20.34 -15.37
C GLY A 181 6.18 19.00 -14.75
N PHE A 182 5.03 18.45 -15.09
CA PHE A 182 4.61 17.12 -14.66
C PHE A 182 3.67 16.57 -15.72
N PRO A 183 4.13 16.48 -16.97
CA PRO A 183 3.23 16.10 -18.06
C PRO A 183 2.58 14.74 -17.86
N MET A 184 3.04 13.98 -16.87
CA MET A 184 2.46 12.66 -16.63
C MET A 184 1.07 12.75 -16.03
N LEU A 185 0.76 13.86 -15.35
CA LEU A 185 -0.50 14.02 -14.64
C LEU A 185 -1.38 15.07 -15.28
N LYS A 186 -2.69 14.91 -15.12
CA LYS A 186 -3.66 15.96 -15.36
C LYS A 186 -3.91 16.75 -14.07
N VAL A 187 -4.30 18.01 -14.24
CA VAL A 187 -4.59 18.86 -13.09
C VAL A 187 -5.60 18.18 -12.17
N LYS A 188 -6.61 17.52 -12.74
CA LYS A 188 -7.58 16.82 -11.92
C LYS A 188 -6.92 15.80 -11.00
N ASP A 189 -5.87 15.12 -11.49
CA ASP A 189 -5.17 14.15 -10.63
C ASP A 189 -4.60 14.84 -9.39
N ILE A 190 -3.94 15.98 -9.58
CA ILE A 190 -3.37 16.70 -8.45
C ILE A 190 -4.46 17.18 -7.50
N LYS A 191 -5.56 17.69 -8.06
CA LYS A 191 -6.67 18.16 -7.23
C LYS A 191 -7.24 17.03 -6.38
N SER A 192 -7.43 15.85 -6.99
CA SER A 192 -7.90 14.70 -6.23
C SER A 192 -6.88 14.26 -5.18
N ALA A 193 -5.60 14.23 -5.55
CA ALA A 193 -4.59 13.68 -4.64
C ALA A 193 -4.39 14.54 -3.41
N TYR A 194 -4.44 15.87 -3.56
CA TYR A 194 -4.11 16.80 -2.49
C TYR A 194 -5.33 17.63 -2.08
N SER A 195 -6.50 17.01 -2.07
CA SER A 195 -7.74 17.75 -1.88
C SER A 195 -7.85 18.33 -0.47
N ASN A 196 -7.37 17.61 0.54
CA ASN A 196 -7.53 18.05 1.94
C ASN A 196 -6.26 18.74 2.43
N TRP A 197 -5.98 19.91 1.86
CA TRP A 197 -4.64 20.45 1.95
C TRP A 197 -4.27 20.81 3.38
N GLN A 198 -5.05 21.68 4.03
CA GLN A 198 -4.66 22.18 5.34
C GLN A 198 -4.19 21.06 6.26
N ILE A 199 -4.99 19.99 6.38
CA ILE A 199 -4.61 18.88 7.25
C ILE A 199 -3.40 18.13 6.69
N LEU A 200 -3.32 18.00 5.37
CA LEU A 200 -2.29 17.17 4.75
C LEU A 200 -0.95 17.89 4.66
N LYS A 201 -0.98 19.19 4.37
CA LYS A 201 0.26 19.93 4.14
C LYS A 201 1.25 19.76 5.27
N GLU A 202 0.78 19.83 6.52
CA GLU A 202 1.71 19.73 7.65
C GLU A 202 2.29 18.33 7.76
N ILE A 203 1.43 17.31 7.73
CA ILE A 203 1.90 15.94 7.81
C ILE A 203 2.93 15.66 6.73
N LEU A 204 2.58 15.94 5.47
CA LEU A 204 3.50 15.64 4.37
C LEU A 204 4.81 16.42 4.50
N GLY A 205 4.74 17.68 4.96
CA GLY A 205 5.96 18.43 5.16
C GLY A 205 6.89 17.77 6.17
N LYS A 206 6.33 17.38 7.32
CA LYS A 206 7.15 16.77 8.36
C LYS A 206 7.65 15.41 7.94
N MET A 207 6.79 14.61 7.30
CA MET A 207 7.22 13.30 6.82
C MET A 207 8.39 13.40 5.86
N ILE A 208 8.34 14.36 4.94
CA ILE A 208 9.45 14.52 3.99
C ILE A 208 10.71 14.96 4.71
N LYS A 209 10.60 15.96 5.58
CA LYS A 209 11.78 16.47 6.25
C LYS A 209 12.49 15.39 7.07
N GLN A 210 11.74 14.62 7.85
CA GLN A 210 12.37 13.59 8.66
C GLN A 210 12.76 12.37 7.84
N THR A 211 12.14 12.15 6.67
CA THR A 211 12.65 11.12 5.77
C THR A 211 14.02 11.52 5.23
N LYS A 212 14.18 12.78 4.81
CA LYS A 212 15.48 13.26 4.34
C LYS A 212 16.55 13.16 5.42
N ALA A 213 16.20 13.36 6.70
CA ALA A 213 17.19 13.29 7.76
C ALA A 213 17.46 11.87 8.25
N SER A 214 16.83 10.85 7.66
CA SER A 214 17.02 9.49 8.16
C SER A 214 18.34 8.93 7.66
N SER A 215 18.66 7.74 8.12
CA SER A 215 19.90 7.07 7.71
C SER A 215 19.71 6.20 6.47
N GLY A 216 18.51 6.16 5.91
CA GLY A 216 18.25 5.27 4.78
C GLY A 216 16.78 5.11 4.50
N VAL A 217 16.44 4.85 3.24
CA VAL A 217 15.05 4.82 2.80
C VAL A 217 14.85 3.54 2.00
N ILE A 218 13.94 2.69 2.46
CA ILE A 218 13.58 1.46 1.78
C ILE A 218 12.27 1.68 1.06
N TRP A 219 12.23 1.39 -0.24
CA TRP A 219 11.06 1.60 -1.07
C TRP A 219 10.50 0.26 -1.50
N ASN A 220 9.18 0.12 -1.39
CA ASN A 220 8.49 -1.10 -1.82
C ASN A 220 8.16 -0.89 -3.29
N SER A 221 9.13 -1.21 -4.14
CA SER A 221 9.07 -0.95 -5.57
C SER A 221 10.21 -1.72 -6.20
N PHE A 222 10.38 -1.59 -7.52
CA PHE A 222 11.63 -2.01 -8.13
C PHE A 222 11.99 -1.05 -9.26
N LYS A 223 13.27 -1.08 -9.64
CA LYS A 223 13.81 -0.02 -10.48
C LYS A 223 13.12 0.03 -11.83
N GLU A 224 12.88 -1.13 -12.44
CA GLU A 224 12.26 -1.14 -13.75
C GLU A 224 10.79 -0.75 -13.72
N LEU A 225 10.19 -0.66 -12.53
CA LEU A 225 8.83 -0.15 -12.40
C LEU A 225 8.80 1.38 -12.45
N GLU A 226 9.80 2.02 -11.84
CA GLU A 226 9.76 3.46 -11.57
C GLU A 226 11.05 4.14 -12.02
N GLU A 227 11.58 3.72 -13.17
CA GLU A 227 12.89 4.17 -13.61
C GLU A 227 12.95 5.69 -13.73
N SER A 228 11.88 6.30 -14.19
CA SER A 228 11.82 7.74 -14.39
C SER A 228 11.90 8.53 -13.08
N GLU A 229 11.68 7.91 -11.94
CA GLU A 229 11.65 8.61 -10.67
C GLU A 229 12.92 8.45 -9.86
N LEU A 230 13.86 7.62 -10.31
CA LEU A 230 15.08 7.36 -9.54
C LEU A 230 15.87 8.64 -9.33
N GLU A 231 15.90 9.52 -10.33
CA GLU A 231 16.75 10.70 -10.23
C GLU A 231 16.24 11.66 -9.17
N THR A 232 14.92 11.83 -9.05
CA THR A 232 14.37 12.68 -8.00
C THR A 232 14.77 12.19 -6.62
N VAL A 233 14.75 10.87 -6.41
CA VAL A 233 15.07 10.31 -5.10
C VAL A 233 16.54 10.53 -4.76
N ILE A 234 17.44 10.30 -5.73
CA ILE A 234 18.86 10.52 -5.47
C ILE A 234 19.14 11.98 -5.16
N ARG A 235 18.46 12.89 -5.86
CA ARG A 235 18.71 14.32 -5.69
C ARG A 235 18.12 14.85 -4.39
N GLU A 236 16.93 14.37 -4.01
CA GLU A 236 16.22 14.95 -2.89
C GLU A 236 16.53 14.27 -1.57
N ILE A 237 16.96 13.01 -1.57
CA ILE A 237 17.16 12.28 -0.33
C ILE A 237 18.65 11.96 -0.21
N PRO A 238 19.37 12.59 0.71
CA PRO A 238 20.83 12.35 0.78
C PRO A 238 21.16 10.97 1.29
N ALA A 239 20.28 10.37 2.08
CA ALA A 239 20.53 9.03 2.57
C ALA A 239 20.38 8.01 1.44
N PRO A 240 21.04 6.87 1.55
CA PRO A 240 20.89 5.82 0.51
C PRO A 240 19.47 5.30 0.45
N SER A 241 19.02 5.02 -0.78
CA SER A 241 17.71 4.47 -1.05
C SER A 241 17.85 3.04 -1.55
N PHE A 242 16.88 2.19 -1.21
CA PHE A 242 16.88 0.78 -1.54
C PHE A 242 15.49 0.40 -2.07
N LEU A 243 15.44 -0.19 -3.25
CA LEU A 243 14.16 -0.55 -3.87
C LEU A 243 14.00 -2.05 -3.80
N ILE A 244 13.00 -2.52 -3.05
CA ILE A 244 12.79 -3.95 -2.84
C ILE A 244 11.32 -4.28 -3.07
N PRO A 245 10.95 -5.07 -4.07
CA PRO A 245 9.53 -5.36 -4.30
C PRO A 245 9.05 -6.46 -3.37
N LEU A 246 8.51 -6.07 -2.21
CA LEU A 246 8.23 -7.06 -1.18
C LEU A 246 7.31 -8.20 -1.61
N PRO A 247 6.25 -7.96 -2.40
CA PRO A 247 5.38 -9.08 -2.79
C PRO A 247 6.09 -10.17 -3.58
N LYS A 248 7.27 -9.91 -4.17
CA LYS A 248 8.01 -10.97 -4.85
C LYS A 248 8.74 -11.86 -3.88
N HIS A 249 8.98 -11.39 -2.65
CA HIS A 249 9.59 -12.21 -1.62
C HIS A 249 8.55 -13.05 -0.89
N LEU A 250 7.43 -12.46 -0.49
CA LEU A 250 6.39 -13.27 0.15
C LEU A 250 5.09 -12.48 0.15
N THR A 251 3.97 -13.22 0.24
CA THR A 251 2.68 -12.56 0.39
C THR A 251 2.52 -12.03 1.82
N ALA A 252 1.54 -11.13 2.00
CA ALA A 252 1.24 -10.54 3.31
C ALA A 252 0.14 -11.28 4.04
N SER A 253 -0.10 -12.55 3.67
CA SER A 253 -1.24 -13.27 4.21
C SER A 253 -1.21 -13.34 5.73
N SER A 254 -0.01 -13.47 6.32
CA SER A 254 0.10 -13.67 7.76
C SER A 254 -0.24 -12.43 8.57
N SER A 255 -0.20 -11.24 7.95
CA SER A 255 -0.48 -10.03 8.69
C SER A 255 -1.89 -9.51 8.42
N SER A 256 -2.78 -10.37 7.90
CA SER A 256 -4.14 -9.93 7.64
C SER A 256 -4.86 -9.58 8.94
N LEU A 257 -5.53 -8.42 8.96
CA LEU A 257 -6.30 -8.02 10.13
C LEU A 257 -7.73 -8.58 10.16
N LEU A 258 -8.15 -9.30 9.12
CA LEU A 258 -9.46 -9.91 9.04
C LEU A 258 -9.32 -11.38 8.65
N ASP A 259 -10.33 -12.18 8.97
CA ASP A 259 -10.28 -13.60 8.65
C ASP A 259 -10.44 -13.82 7.16
N HIS A 260 -9.68 -14.78 6.63
CA HIS A 260 -9.76 -15.12 5.22
C HIS A 260 -10.99 -15.97 4.93
N ASP A 261 -11.66 -15.67 3.81
CA ASP A 261 -12.61 -16.61 3.19
C ASP A 261 -11.80 -17.40 2.15
N ARG A 262 -11.38 -18.60 2.50
CA ARG A 262 -10.63 -19.43 1.57
C ARG A 262 -11.52 -20.37 0.74
N THR A 263 -12.85 -20.33 0.95
CA THR A 263 -13.76 -21.03 0.05
C THR A 263 -13.71 -20.47 -1.37
N VAL A 264 -13.04 -19.33 -1.59
CA VAL A 264 -12.98 -18.81 -2.95
C VAL A 264 -12.12 -19.69 -3.85
N PHE A 265 -11.15 -20.41 -3.27
CA PHE A 265 -10.22 -21.15 -4.13
C PHE A 265 -10.88 -22.36 -4.78
N GLN A 266 -11.79 -23.04 -4.06
CA GLN A 266 -12.58 -24.10 -4.68
C GLN A 266 -13.44 -23.55 -5.82
N TRP A 267 -13.92 -22.32 -5.68
CA TRP A 267 -14.69 -21.70 -6.75
C TRP A 267 -13.78 -21.25 -7.90
N LEU A 268 -12.62 -20.69 -7.57
CA LEU A 268 -11.66 -20.35 -8.63
C LEU A 268 -11.24 -21.58 -9.43
N ASP A 269 -11.14 -22.73 -8.77
CA ASP A 269 -10.74 -23.97 -9.45
C ASP A 269 -11.77 -24.45 -10.45
N GLN A 270 -12.97 -23.88 -10.45
CA GLN A 270 -14.00 -24.24 -11.42
C GLN A 270 -14.06 -23.26 -12.58
N GLN A 271 -13.17 -22.26 -12.64
CA GLN A 271 -13.25 -21.22 -13.66
C GLN A 271 -12.18 -21.43 -14.73
N PRO A 272 -12.47 -21.16 -15.99
CA PRO A 272 -11.43 -21.25 -17.02
C PRO A 272 -10.32 -20.25 -16.76
N PRO A 273 -9.12 -20.53 -17.26
CA PRO A 273 -8.01 -19.58 -17.07
C PRO A 273 -8.34 -18.19 -17.57
N SER A 274 -7.91 -17.18 -16.82
CA SER A 274 -8.03 -15.77 -17.19
C SER A 274 -9.47 -15.35 -17.44
N SER A 275 -10.44 -15.97 -16.79
CA SER A 275 -11.85 -15.65 -17.01
C SER A 275 -12.48 -14.84 -15.90
N VAL A 276 -11.77 -14.58 -14.80
CA VAL A 276 -12.36 -14.00 -13.60
C VAL A 276 -11.80 -12.60 -13.39
N LEU A 277 -12.70 -11.64 -13.19
CA LEU A 277 -12.36 -10.30 -12.74
C LEU A 277 -12.36 -10.27 -11.22
N TYR A 278 -11.22 -9.98 -10.62
CA TYR A 278 -11.15 -9.78 -9.18
C TYR A 278 -11.38 -8.29 -8.91
N VAL A 279 -12.22 -8.01 -7.91
CA VAL A 279 -12.66 -6.65 -7.59
C VAL A 279 -12.44 -6.42 -6.11
N SER A 280 -11.63 -5.42 -5.77
CA SER A 280 -11.45 -5.05 -4.37
C SER A 280 -11.04 -3.59 -4.27
N PHE A 281 -11.73 -2.84 -3.42
CA PHE A 281 -11.42 -1.43 -3.25
C PHE A 281 -10.68 -1.16 -1.93
N GLY A 282 -9.86 -2.10 -1.47
CA GLY A 282 -8.94 -1.84 -0.36
C GLY A 282 -9.50 -2.15 1.02
N SER A 283 -8.79 -1.64 2.03
CA SER A 283 -9.13 -1.94 3.41
C SER A 283 -9.85 -0.82 4.15
N THR A 284 -9.92 0.40 3.59
CA THR A 284 -10.59 1.50 4.31
C THR A 284 -11.60 2.29 3.49
N SER A 285 -11.68 2.11 2.18
CA SER A 285 -12.59 2.90 1.36
C SER A 285 -14.06 2.62 1.73
N GLU A 286 -14.93 3.54 1.28
CA GLU A 286 -16.37 3.46 1.51
C GLU A 286 -17.06 4.24 0.41
N VAL A 287 -18.31 3.86 0.10
CA VAL A 287 -19.02 4.40 -1.05
C VAL A 287 -20.48 4.68 -0.68
N ASP A 288 -21.10 5.57 -1.46
CA ASP A 288 -22.53 5.77 -1.34
C ASP A 288 -23.28 4.49 -1.66
N GLU A 289 -24.53 4.42 -1.22
CA GLU A 289 -25.41 3.40 -1.72
C GLU A 289 -25.68 3.59 -3.21
N LYS A 290 -25.72 4.84 -3.66
CA LYS A 290 -25.93 5.10 -5.09
C LYS A 290 -24.82 4.48 -5.92
N ASP A 291 -23.57 4.64 -5.50
CA ASP A 291 -22.45 4.18 -6.31
C ASP A 291 -22.26 2.66 -6.21
N PHE A 292 -22.53 2.09 -5.03
CA PHE A 292 -22.41 0.64 -4.87
C PHE A 292 -23.31 -0.10 -5.84
N LEU A 293 -24.53 0.41 -6.04
CA LEU A 293 -25.45 -0.25 -6.96
C LEU A 293 -25.03 -0.04 -8.41
N GLU A 294 -24.43 1.11 -8.74
CA GLU A 294 -23.95 1.31 -10.11
C GLU A 294 -22.75 0.40 -10.39
N ILE A 295 -21.88 0.19 -9.41
CA ILE A 295 -20.77 -0.75 -9.56
C ILE A 295 -21.29 -2.15 -9.81
N ALA A 296 -22.29 -2.59 -9.03
CA ALA A 296 -22.90 -3.89 -9.25
C ALA A 296 -23.45 -4.02 -10.67
N ARG A 297 -24.12 -2.97 -11.18
CA ARG A 297 -24.71 -3.06 -12.51
C ARG A 297 -23.64 -3.14 -13.58
N GLY A 298 -22.54 -2.39 -13.43
CA GLY A 298 -21.44 -2.52 -14.38
C GLY A 298 -20.88 -3.92 -14.42
N LEU A 299 -20.64 -4.50 -13.24
CA LEU A 299 -20.13 -5.87 -13.17
C LEU A 299 -21.02 -6.84 -13.94
N VAL A 300 -22.32 -6.82 -13.63
CA VAL A 300 -23.26 -7.69 -14.33
C VAL A 300 -23.25 -7.40 -15.83
N ASP A 301 -23.24 -6.11 -16.19
CA ASP A 301 -23.26 -5.72 -17.60
C ASP A 301 -22.05 -6.22 -18.38
N SER A 302 -20.91 -6.43 -17.74
CA SER A 302 -19.73 -6.85 -18.48
C SER A 302 -19.86 -8.27 -19.01
N LYS A 303 -20.77 -9.07 -18.44
CA LYS A 303 -20.92 -10.49 -18.78
C LYS A 303 -19.73 -11.33 -18.34
N GLN A 304 -18.77 -10.78 -17.61
CA GLN A 304 -17.62 -11.54 -17.14
C GLN A 304 -17.88 -12.13 -15.75
N SER A 305 -17.24 -13.26 -15.47
CA SER A 305 -17.22 -13.78 -14.11
C SER A 305 -16.45 -12.83 -13.21
N PHE A 306 -16.91 -12.68 -11.96
CA PHE A 306 -16.20 -11.82 -11.04
C PHE A 306 -16.22 -12.38 -9.63
N LEU A 307 -15.18 -12.01 -8.88
CA LEU A 307 -15.07 -12.25 -7.45
C LEU A 307 -14.89 -10.89 -6.81
N TRP A 308 -15.87 -10.45 -6.04
CA TRP A 308 -15.91 -9.09 -5.54
C TRP A 308 -15.75 -9.15 -4.03
N VAL A 309 -14.64 -8.61 -3.53
CA VAL A 309 -14.43 -8.44 -2.10
C VAL A 309 -15.12 -7.15 -1.68
N VAL A 310 -16.09 -7.26 -0.78
CA VAL A 310 -16.78 -6.10 -0.21
C VAL A 310 -16.62 -6.17 1.30
N ARG A 311 -15.77 -5.30 1.83
CA ARG A 311 -15.61 -5.16 3.27
C ARG A 311 -16.94 -4.78 3.92
N PRO A 312 -17.34 -5.43 5.01
CA PRO A 312 -18.45 -4.90 5.79
C PRO A 312 -18.12 -3.48 6.19
N GLY A 313 -19.03 -2.57 5.90
CA GLY A 313 -18.76 -1.16 6.07
C GLY A 313 -18.39 -0.44 4.81
N PHE A 314 -18.13 -1.17 3.71
CA PHE A 314 -17.83 -0.51 2.45
C PHE A 314 -18.97 0.38 1.99
N VAL A 315 -20.21 -0.01 2.23
CA VAL A 315 -21.37 0.74 1.75
C VAL A 315 -21.90 1.59 2.90
N LYS A 316 -21.95 2.90 2.69
CA LYS A 316 -22.50 3.81 3.70
C LYS A 316 -23.99 3.54 3.88
N GLY A 317 -24.40 3.27 5.11
CA GLY A 317 -25.80 3.08 5.41
C GLY A 317 -26.28 1.64 5.36
N SER A 318 -25.38 0.68 5.14
CA SER A 318 -25.71 -0.73 5.18
C SER A 318 -24.64 -1.43 6.00
N THR A 319 -25.03 -2.58 6.60
CA THR A 319 -24.05 -3.36 7.37
C THR A 319 -23.08 -4.07 6.46
N TRP A 320 -23.56 -4.57 5.32
CA TRP A 320 -22.72 -5.22 4.33
C TRP A 320 -23.26 -4.90 2.95
N VAL A 321 -24.06 -5.80 2.39
CA VAL A 321 -24.56 -5.60 1.02
C VAL A 321 -26.08 -5.69 0.96
N GLU A 322 -26.76 -5.31 2.06
CA GLU A 322 -28.22 -5.33 2.10
C GLU A 322 -28.90 -4.64 0.91
N PRO A 323 -28.36 -3.55 0.36
CA PRO A 323 -28.99 -2.94 -0.83
C PRO A 323 -29.09 -3.88 -2.03
N LEU A 324 -28.37 -4.99 -2.04
CA LEU A 324 -28.28 -5.81 -3.24
C LEU A 324 -29.41 -6.83 -3.27
N PRO A 325 -30.24 -6.85 -4.30
CA PRO A 325 -31.32 -7.86 -4.37
C PRO A 325 -30.77 -9.28 -4.39
N ASP A 326 -31.55 -10.19 -3.79
CA ASP A 326 -31.15 -11.59 -3.71
C ASP A 326 -31.00 -12.18 -5.11
N GLY A 327 -29.85 -12.81 -5.36
CA GLY A 327 -29.59 -13.45 -6.63
C GLY A 327 -29.15 -12.53 -7.74
N PHE A 328 -28.92 -11.24 -7.46
CA PHE A 328 -28.63 -10.27 -8.50
C PHE A 328 -27.27 -10.52 -9.16
N LEU A 329 -26.33 -11.16 -8.46
CA LEU A 329 -25.04 -11.45 -9.05
C LEU A 329 -25.13 -12.60 -10.06
N GLY A 330 -26.11 -13.48 -9.88
CA GLY A 330 -26.34 -14.53 -10.86
C GLY A 330 -25.34 -15.68 -10.77
N GLU A 331 -25.14 -16.31 -11.93
CA GLU A 331 -24.21 -17.43 -12.04
C GLU A 331 -22.76 -16.98 -12.08
N ARG A 332 -22.50 -15.76 -12.52
CA ARG A 332 -21.14 -15.35 -12.84
C ARG A 332 -20.38 -14.75 -11.66
N GLY A 333 -21.08 -14.24 -10.66
CA GLY A 333 -20.48 -13.40 -9.65
C GLY A 333 -20.60 -13.96 -8.24
N ARG A 334 -19.59 -13.67 -7.43
CA ARG A 334 -19.57 -14.00 -6.02
CA ARG A 334 -19.58 -13.99 -6.02
C ARG A 334 -19.08 -12.78 -5.25
N ILE A 335 -19.65 -12.54 -4.08
CA ILE A 335 -19.22 -11.46 -3.18
C ILE A 335 -18.75 -12.08 -1.88
N VAL A 336 -17.61 -11.62 -1.39
CA VAL A 336 -17.05 -12.13 -0.14
C VAL A 336 -16.53 -10.96 0.67
N LYS A 337 -16.29 -11.23 1.97
CA LYS A 337 -15.88 -10.20 2.89
C LYS A 337 -14.38 -9.90 2.79
N TRP A 338 -13.56 -10.91 2.49
CA TRP A 338 -12.12 -10.73 2.59
C TRP A 338 -11.41 -12.00 2.12
N VAL A 339 -10.29 -11.86 1.40
CA VAL A 339 -9.52 -13.01 0.90
C VAL A 339 -8.03 -12.81 1.16
N PRO A 340 -7.19 -13.87 0.95
CA PRO A 340 -5.74 -13.64 0.81
C PRO A 340 -5.49 -13.11 -0.58
N GLN A 341 -5.36 -11.80 -0.70
CA GLN A 341 -5.52 -11.15 -2.01
C GLN A 341 -4.43 -11.57 -2.99
N GLN A 342 -3.16 -11.59 -2.56
CA GLN A 342 -2.10 -11.90 -3.51
C GLN A 342 -2.21 -13.34 -3.97
N GLU A 343 -2.61 -14.24 -3.07
CA GLU A 343 -2.82 -15.62 -3.48
C GLU A 343 -3.97 -15.73 -4.47
N VAL A 344 -4.99 -14.88 -4.35
CA VAL A 344 -6.04 -14.93 -5.37
C VAL A 344 -5.51 -14.41 -6.70
N LEU A 345 -4.77 -13.30 -6.68
CA LEU A 345 -4.19 -12.75 -7.90
C LEU A 345 -3.27 -13.75 -8.59
N ALA A 346 -2.64 -14.65 -7.83
CA ALA A 346 -1.76 -15.66 -8.40
C ALA A 346 -2.50 -16.82 -9.04
N HIS A 347 -3.76 -17.03 -8.72
CA HIS A 347 -4.55 -18.11 -9.31
C HIS A 347 -4.75 -17.90 -10.81
N GLY A 348 -4.64 -19.00 -11.57
CA GLY A 348 -4.79 -18.98 -13.02
C GLY A 348 -6.14 -18.50 -13.54
N ALA A 349 -7.19 -18.61 -12.74
CA ALA A 349 -8.49 -18.12 -13.18
C ALA A 349 -8.54 -16.59 -13.35
N ILE A 350 -7.67 -15.84 -12.67
CA ILE A 350 -7.81 -14.39 -12.64
C ILE A 350 -7.38 -13.80 -13.96
N GLY A 351 -8.24 -12.96 -14.55
CA GLY A 351 -7.93 -12.34 -15.82
C GLY A 351 -7.59 -10.87 -15.67
N ALA A 352 -8.10 -10.24 -14.61
CA ALA A 352 -7.91 -8.80 -14.41
C ALA A 352 -8.34 -8.42 -13.01
N PHE A 353 -7.93 -7.24 -12.57
CA PHE A 353 -8.08 -6.80 -11.21
C PHE A 353 -8.66 -5.39 -11.27
N TRP A 354 -9.90 -5.21 -10.82
CA TRP A 354 -10.45 -3.87 -10.66
C TRP A 354 -10.08 -3.42 -9.25
N THR A 355 -9.18 -2.44 -9.16
CA THR A 355 -8.58 -2.00 -7.91
C THR A 355 -8.89 -0.52 -7.64
N HIS A 356 -8.85 -0.14 -6.36
CA HIS A 356 -8.84 1.28 -5.99
C HIS A 356 -7.47 1.93 -6.11
N SER A 357 -6.46 1.20 -6.58
CA SER A 357 -5.13 1.74 -6.85
C SER A 357 -4.33 2.04 -5.60
N GLY A 358 -4.67 1.44 -4.45
CA GLY A 358 -3.71 1.41 -3.36
C GLY A 358 -2.39 0.84 -3.82
N TRP A 359 -1.31 1.31 -3.21
CA TRP A 359 0.00 0.90 -3.71
C TRP A 359 0.29 -0.58 -3.50
N ASN A 360 -0.12 -1.15 -2.35
CA ASN A 360 0.13 -2.57 -2.12
C ASN A 360 -0.62 -3.42 -3.13
N SER A 361 -1.91 -3.11 -3.34
CA SER A 361 -2.70 -3.84 -4.31
C SER A 361 -2.11 -3.69 -5.71
N THR A 362 -1.70 -2.47 -6.06
CA THR A 362 -1.13 -2.24 -7.39
C THR A 362 0.15 -3.06 -7.59
N LEU A 363 1.05 -3.02 -6.61
CA LEU A 363 2.31 -3.75 -6.76
C LEU A 363 2.09 -5.26 -6.71
N GLU A 364 1.11 -5.75 -5.92
CA GLU A 364 0.85 -7.18 -5.92
C GLU A 364 0.35 -7.61 -7.29
N SER A 365 -0.55 -6.82 -7.89
CA SER A 365 -1.07 -7.18 -9.19
C SER A 365 0.04 -7.17 -10.24
N VAL A 366 0.96 -6.20 -10.14
CA VAL A 366 2.10 -6.16 -11.08
C VAL A 366 2.98 -7.39 -10.91
N CYS A 367 3.27 -7.76 -9.67
CA CYS A 367 4.16 -8.89 -9.40
C CYS A 367 3.53 -10.23 -9.77
N GLU A 368 2.20 -10.30 -9.85
CA GLU A 368 1.51 -11.48 -10.32
C GLU A 368 1.10 -11.38 -11.78
N GLY A 369 1.41 -10.26 -12.44
CA GLY A 369 1.19 -10.14 -13.87
C GLY A 369 -0.25 -9.97 -14.27
N VAL A 370 -1.06 -9.34 -13.43
CA VAL A 370 -2.49 -9.22 -13.67
C VAL A 370 -2.79 -7.80 -14.13
N PRO A 371 -3.41 -7.60 -15.30
CA PRO A 371 -3.76 -6.23 -15.73
C PRO A 371 -4.91 -5.69 -14.91
N MET A 372 -5.07 -4.36 -14.91
CA MET A 372 -5.93 -3.71 -13.94
C MET A 372 -6.94 -2.78 -14.61
N ILE A 373 -8.07 -2.59 -13.92
CA ILE A 373 -8.94 -1.45 -14.14
C ILE A 373 -8.84 -0.60 -12.88
N PHE A 374 -8.64 0.70 -13.06
CA PHE A 374 -8.35 1.58 -11.93
C PHE A 374 -9.54 2.49 -11.62
N SER A 375 -9.97 2.47 -10.36
CA SER A 375 -10.69 3.56 -9.72
C SER A 375 -9.78 4.18 -8.67
N ASP A 376 -10.28 5.19 -7.96
CA ASP A 376 -9.44 5.80 -6.93
C ASP A 376 -10.31 6.52 -5.92
N PHE A 377 -9.81 6.61 -4.68
CA PHE A 377 -10.48 7.35 -3.62
C PHE A 377 -9.56 8.43 -3.05
N GLY A 378 -8.70 9.01 -3.88
CA GLY A 378 -7.84 10.09 -3.42
C GLY A 378 -6.48 9.64 -2.92
N LEU A 379 -5.82 10.56 -2.23
CA LEU A 379 -4.46 10.35 -1.69
C LEU A 379 -3.56 9.96 -2.85
N ASP A 380 -2.68 8.96 -2.68
CA ASP A 380 -1.80 8.57 -3.78
C ASP A 380 -2.53 7.79 -4.88
N GLN A 381 -3.78 7.37 -4.66
CA GLN A 381 -4.45 6.48 -5.61
C GLN A 381 -4.58 7.07 -7.02
N PRO A 382 -5.01 8.31 -7.22
CA PRO A 382 -5.08 8.83 -8.61
C PRO A 382 -3.73 8.89 -9.29
N LEU A 383 -2.64 9.12 -8.54
CA LEU A 383 -1.31 9.16 -9.16
C LEU A 383 -0.86 7.75 -9.56
N ASN A 384 -1.10 6.76 -8.70
CA ASN A 384 -0.81 5.37 -9.06
C ASN A 384 -1.59 4.98 -10.32
N ALA A 385 -2.87 5.32 -10.35
CA ALA A 385 -3.70 4.94 -11.50
C ALA A 385 -3.20 5.60 -12.77
N ARG A 386 -2.82 6.88 -12.71
CA ARG A 386 -2.36 7.54 -13.92
C ARG A 386 -1.01 6.99 -14.39
N TYR A 387 -0.11 6.70 -13.43
CA TYR A 387 1.21 6.18 -13.81
C TYR A 387 1.08 4.78 -14.41
N MET A 388 0.29 3.91 -13.78
CA MET A 388 0.13 2.56 -14.28
C MET A 388 -0.56 2.52 -15.63
N SER A 389 -1.55 3.38 -15.85
CA SER A 389 -2.34 3.29 -17.07
C SER A 389 -1.67 4.01 -18.24
N ASP A 390 -0.92 5.09 -17.98
CA ASP A 390 -0.34 5.90 -19.05
C ASP A 390 1.16 5.68 -19.24
N VAL A 391 1.93 5.42 -18.19
CA VAL A 391 3.36 5.23 -18.37
C VAL A 391 3.64 3.75 -18.65
N LEU A 392 3.26 2.89 -17.71
CA LEU A 392 3.51 1.46 -17.90
C LEU A 392 2.50 0.81 -18.83
N LYS A 393 1.26 1.34 -18.85
CA LYS A 393 0.19 0.84 -19.70
C LYS A 393 -0.17 -0.61 -19.39
N VAL A 394 -0.44 -0.88 -18.11
CA VAL A 394 -0.88 -2.19 -17.62
C VAL A 394 -2.34 -2.16 -17.15
N GLY A 395 -3.09 -1.15 -17.50
CA GLY A 395 -4.48 -1.11 -17.11
C GLY A 395 -5.21 0.07 -17.70
N VAL A 396 -6.50 0.15 -17.37
CA VAL A 396 -7.41 1.17 -17.88
C VAL A 396 -7.97 1.95 -16.69
N TYR A 397 -7.97 3.28 -16.78
CA TYR A 397 -8.31 4.15 -15.66
C TYR A 397 -9.71 4.72 -15.88
N LEU A 398 -10.64 4.36 -14.98
CA LEU A 398 -12.00 4.93 -14.94
C LEU A 398 -11.93 6.22 -14.13
N GLU A 399 -11.57 7.30 -14.80
CA GLU A 399 -11.26 8.55 -14.13
C GLU A 399 -12.45 9.52 -14.03
N ASN A 400 -13.67 9.06 -14.33
CA ASN A 400 -14.82 9.95 -14.38
C ASN A 400 -16.04 9.31 -13.70
N GLY A 401 -15.89 8.97 -12.44
CA GLY A 401 -17.01 8.47 -11.66
C GLY A 401 -17.34 7.00 -11.94
N TRP A 402 -18.54 6.62 -11.54
CA TRP A 402 -19.08 5.28 -11.74
C TRP A 402 -20.24 5.37 -12.71
N GLU A 403 -20.11 4.72 -13.86
CA GLU A 403 -21.21 4.62 -14.82
C GLU A 403 -21.20 3.20 -15.39
N ARG A 404 -22.33 2.50 -15.25
CA ARG A 404 -22.41 1.09 -15.63
C ARG A 404 -21.83 0.85 -17.01
N GLY A 405 -22.19 1.69 -17.98
CA GLY A 405 -21.73 1.48 -19.35
C GLY A 405 -20.22 1.56 -19.47
N GLU A 406 -19.63 2.60 -18.89
CA GLU A 406 -18.18 2.74 -18.96
C GLU A 406 -17.46 1.62 -18.21
N ILE A 407 -18.00 1.20 -17.06
CA ILE A 407 -17.42 0.09 -16.31
C ILE A 407 -17.36 -1.16 -17.17
N ALA A 408 -18.49 -1.52 -17.80
CA ALA A 408 -18.54 -2.76 -18.57
C ALA A 408 -17.58 -2.72 -19.76
N ASN A 409 -17.41 -1.55 -20.37
CA ASN A 409 -16.48 -1.44 -21.50
C ASN A 409 -15.04 -1.58 -21.04
N ALA A 410 -14.68 -0.95 -19.91
CA ALA A 410 -13.34 -1.10 -19.37
C ALA A 410 -13.04 -2.56 -19.04
N ILE A 411 -13.99 -3.24 -18.39
CA ILE A 411 -13.78 -4.64 -18.02
C ILE A 411 -13.55 -5.49 -19.27
N ARG A 412 -14.40 -5.30 -20.28
CA ARG A 412 -14.27 -6.13 -21.47
C ARG A 412 -13.02 -5.76 -22.26
N ARG A 413 -12.62 -4.49 -22.22
CA ARG A 413 -11.42 -4.10 -22.95
C ARG A 413 -10.18 -4.81 -22.41
N VAL A 414 -10.06 -4.90 -21.09
CA VAL A 414 -8.87 -5.53 -20.52
C VAL A 414 -8.94 -7.05 -20.63
N MET A 415 -10.14 -7.62 -20.43
CA MET A 415 -10.27 -9.08 -20.34
C MET A 415 -10.56 -9.79 -21.65
N VAL A 416 -11.24 -9.16 -22.61
CA VAL A 416 -11.70 -9.89 -23.78
C VAL A 416 -11.28 -9.25 -25.11
N ASP A 417 -11.42 -7.94 -25.25
CA ASP A 417 -11.19 -7.28 -26.54
C ASP A 417 -9.78 -7.56 -27.06
N GLU A 418 -9.68 -7.86 -28.35
CA GLU A 418 -8.36 -7.93 -28.99
C GLU A 418 -7.63 -6.60 -28.87
N GLU A 419 -8.38 -5.50 -28.83
CA GLU A 419 -7.79 -4.18 -28.66
C GLU A 419 -7.04 -4.05 -27.33
N GLY A 420 -7.39 -4.86 -26.33
CA GLY A 420 -6.70 -4.83 -25.06
C GLY A 420 -5.54 -5.78 -24.94
N GLU A 421 -5.17 -6.47 -26.04
CA GLU A 421 -4.09 -7.44 -25.94
C GLU A 421 -2.79 -6.82 -25.45
N TYR A 422 -2.47 -5.60 -25.91
CA TYR A 422 -1.20 -5.00 -25.52
C TYR A 422 -1.15 -4.74 -24.01
N ILE A 423 -2.31 -4.48 -23.40
CA ILE A 423 -2.35 -4.26 -21.95
C ILE A 423 -2.09 -5.58 -21.22
N ARG A 424 -2.76 -6.64 -21.64
CA ARG A 424 -2.50 -7.95 -21.04
C ARG A 424 -1.05 -8.35 -21.23
N GLN A 425 -0.48 -8.07 -22.41
CA GLN A 425 0.91 -8.43 -22.66
C GLN A 425 1.85 -7.58 -21.82
N ASN A 426 1.54 -6.28 -21.66
CA ASN A 426 2.38 -5.42 -20.84
C ASN A 426 2.42 -5.91 -19.41
N ALA A 427 1.29 -6.37 -18.88
CA ALA A 427 1.27 -6.87 -17.51
C ALA A 427 2.12 -8.13 -17.36
N ARG A 428 2.06 -9.05 -18.34
CA ARG A 428 2.93 -10.24 -18.28
C ARG A 428 4.40 -9.86 -18.33
N VAL A 429 4.77 -8.92 -19.20
CA VAL A 429 6.17 -8.53 -19.29
C VAL A 429 6.64 -7.87 -18.00
N LEU A 430 5.79 -7.04 -17.39
CA LEU A 430 6.22 -6.35 -16.17
C LEU A 430 6.46 -7.33 -15.03
N LYS A 431 5.61 -8.37 -14.91
CA LYS A 431 5.85 -9.42 -13.92
C LYS A 431 7.23 -10.06 -14.15
N GLN A 432 7.54 -10.37 -15.41
CA GLN A 432 8.84 -10.95 -15.73
C GLN A 432 9.98 -10.02 -15.36
N LYS A 433 9.84 -8.71 -15.61
CA LYS A 433 10.90 -7.80 -15.20
C LYS A 433 11.07 -7.81 -13.68
N ALA A 434 9.99 -7.95 -12.94
CA ALA A 434 10.12 -8.05 -11.48
C ALA A 434 10.87 -9.32 -11.08
N ASP A 435 10.54 -10.46 -11.70
CA ASP A 435 11.27 -11.69 -11.43
C ASP A 435 12.75 -11.54 -11.75
N VAL A 436 13.06 -10.95 -12.91
CA VAL A 436 14.46 -10.77 -13.29
C VAL A 436 15.21 -9.88 -12.28
N SER A 437 14.51 -8.89 -11.69
CA SER A 437 15.19 -7.99 -10.76
C SER A 437 15.67 -8.71 -9.51
N LEU A 438 15.09 -9.88 -9.20
CA LEU A 438 15.48 -10.66 -8.02
C LEU A 438 16.62 -11.63 -8.30
N MET A 439 17.01 -11.82 -9.56
CA MET A 439 18.12 -12.72 -9.84
C MET A 439 19.45 -12.04 -9.53
N LYS A 440 20.49 -12.87 -9.37
CA LYS A 440 21.84 -12.35 -9.16
C LYS A 440 22.19 -11.33 -10.24
N GLY A 441 22.57 -10.13 -9.82
CA GLY A 441 22.84 -9.05 -10.75
C GLY A 441 21.66 -8.12 -11.03
N GLY A 442 20.43 -8.54 -10.71
CA GLY A 442 19.27 -7.67 -10.90
C GLY A 442 19.23 -6.55 -9.88
N SER A 443 18.39 -5.55 -10.18
CA SER A 443 18.36 -4.34 -9.37
C SER A 443 17.91 -4.62 -7.94
N SER A 444 16.88 -5.46 -7.76
CA SER A 444 16.34 -5.70 -6.42
C SER A 444 17.26 -6.59 -5.60
N TYR A 445 17.85 -7.61 -6.24
CA TYR A 445 18.87 -8.42 -5.60
C TYR A 445 19.99 -7.56 -5.05
N GLU A 446 20.50 -6.62 -5.86
CA GLU A 446 21.61 -5.79 -5.42
C GLU A 446 21.19 -4.80 -4.34
N SER A 447 19.97 -4.25 -4.43
CA SER A 447 19.46 -3.39 -3.37
C SER A 447 19.38 -4.13 -2.05
N LEU A 448 18.81 -5.34 -2.05
CA LEU A 448 18.73 -6.09 -0.80
C LEU A 448 20.12 -6.44 -0.28
N GLU A 449 21.01 -6.89 -1.17
CA GLU A 449 22.37 -7.17 -0.76
C GLU A 449 23.00 -5.94 -0.10
N SER A 450 22.86 -4.77 -0.73
CA SER A 450 23.41 -3.55 -0.17
C SER A 450 22.73 -3.17 1.14
N LEU A 451 21.41 -3.34 1.22
CA LEU A 451 20.69 -2.99 2.45
C LEU A 451 21.21 -3.80 3.64
N VAL A 452 21.45 -5.09 3.45
CA VAL A 452 21.89 -5.95 4.54
C VAL A 452 23.31 -5.58 4.98
N SER A 453 24.20 -5.32 4.03
CA SER A 453 25.56 -4.95 4.42
C SER A 453 25.57 -3.55 5.02
N TYR A 454 24.69 -2.67 4.55
CA TYR A 454 24.61 -1.35 5.16
C TYR A 454 24.14 -1.43 6.62
N ILE A 455 23.00 -2.09 6.86
CA ILE A 455 22.48 -2.22 8.22
C ILE A 455 23.53 -2.85 9.13
N SER A 456 24.25 -3.87 8.61
CA SER A 456 25.26 -4.57 9.40
C SER A 456 26.42 -3.67 9.80
N SER A 457 26.71 -2.63 9.01
CA SER A 457 27.79 -1.70 9.30
C SER A 457 27.41 -0.64 10.33
N LEU A 458 26.14 -0.55 10.71
CA LEU A 458 25.71 0.44 11.68
C LEU A 458 26.14 0.03 13.08
N1 UDP B . -6.09 -7.25 1.05
C2 UDP B . -6.33 -8.56 1.41
N3 UDP B . -7.57 -9.12 1.22
C4 UDP B . -8.58 -8.34 0.67
C5 UDP B . -8.34 -7.02 0.30
C6 UDP B . -7.04 -6.52 0.40
O2 UDP B . -5.42 -9.23 1.90
O4 UDP B . -9.69 -8.83 0.50
C1' UDP B . -4.75 -6.73 1.30
C2' UDP B . -4.01 -6.51 -0.02
O2' UDP B . -3.34 -7.66 -0.50
C3' UDP B . -3.09 -5.34 0.37
C4' UDP B . -3.84 -4.58 1.47
O4' UDP B . -4.86 -5.46 1.93
O3' UDP B . -1.88 -5.81 0.89
C5' UDP B . -4.45 -3.28 0.95
O5' UDP B . -3.44 -2.29 0.82
PA UDP B . -3.54 -1.11 -0.26
O1A UDP B . -2.23 -0.40 -0.22
O2A UDP B . -3.78 -1.67 -1.61
O3A UDP B . -4.87 -0.29 0.03
PB UDP B . -5.39 0.37 1.40
O1B UDP B . -6.11 1.57 0.92
O2B UDP B . -6.31 -0.61 2.02
O3B UDP B . -4.29 0.70 2.31
C10 LRV C . 0.57 9.30 2.01
C15 LRV C . -1.63 3.92 0.27
C20 LRV C . -4.17 9.75 7.22
C21 LRV C . -1.96 10.61 6.51
C22 LRV C . -4.34 11.24 7.41
C24 LRV C . -4.95 11.97 6.18
C11 LRV C . -0.93 9.32 1.76
C14 LRV C . -3.95 3.60 1.42
C16 LRV C . -1.09 3.21 1.53
C18 LRV C . 0.02 2.24 1.15
C19 LRV C . -3.13 9.61 6.20
C23 LRV C . -3.72 9.95 4.84
C25 LRV C . -9.13 11.05 7.74
C1 LRV C . -3.42 7.26 5.60
O1 LRV C . -2.57 8.24 6.20
C2 LRV C . -2.51 6.35 4.72
O2 LRV C . -2.59 6.78 3.38
O5 LRV C . -4.06 6.56 6.64
C5 LRV C . -4.93 5.61 6.09
C4 LRV C . -4.11 4.45 5.58
O4 LRV C . -4.99 3.49 5.04
C3 LRV C . -2.89 4.85 4.69
C6 LRV C . -5.89 5.09 7.18
O6 LRV C . -6.72 6.13 7.67
C7 LRV C . -1.48 7.44 2.76
C8 LRV C . -0.04 7.00 3.15
O8 LRV C . 0.20 5.70 2.71
O11 LRV C . -1.60 8.82 2.90
O10 LRV C . 1.29 9.57 0.81
C9 LRV C . 1.06 7.95 2.59
O9 LRV C . 1.89 7.32 1.63
C12 LRV C . -1.44 10.75 1.48
O15 LRV C . -0.43 11.48 0.82
C13 LRV C . -3.18 3.35 2.72
O16 LRV C . -2.89 4.61 3.28
O17 LRV C . -5.12 4.34 1.69
O18 LRV C . -2.06 2.59 2.35
O19 LRV C . -1.31 3.23 -0.92
C17 LRV C . -3.12 4.34 0.35
O20 LRV C . -3.74 4.17 -0.89
O21 LRV C . 1.20 3.01 1.30
C26 LRV C . -9.20 13.06 6.19
C27 LRV C . -6.99 10.63 5.55
C28 LRV C . -5.31 10.81 8.51
C29 LRV C . -4.34 11.40 4.80
C30 LRV C . -2.79 11.69 7.36
C31 LRV C . -8.59 12.48 7.51
C32 LRV C . -6.47 11.99 6.10
C33 LRV C . -0.85 9.94 7.34
C34 LRV C . -8.15 13.82 5.34
C35 LRV C . -6.41 11.92 8.75
C36 LRV C . -6.88 13.02 5.04
C37 LRV C . -7.06 12.52 7.45
C38 LRV C . -9.06 13.36 8.67
O22 LRV C . -8.54 10.24 8.53
O23 LRV C . -10.16 10.66 7.12
#